data_5LYC
#
_entry.id   5LYC
#
_cell.length_a   54.570
_cell.length_b   54.570
_cell.length_c   208.010
_cell.angle_alpha   90.000
_cell.angle_beta   90.000
_cell.angle_gamma   90.000
#
_symmetry.space_group_name_H-M   'P 43 21 2'
#
loop_
_entity.id
_entity.type
_entity.pdbx_description
1 polymer 'Cytochrome c iso-1'
2 non-polymer 'HEME C'
3 non-polymer phosphonato-calix[6]arene
4 non-polymer 'SULFATE ION'
5 water water
#
_entity_poly.entity_id   1
_entity_poly.type   'polypeptide(L)'
_entity_poly.pdbx_seq_one_letter_code
;AEFKAGSAKKGATLFKTRCLQCHTVEKGGPHKVGPNLHGIFGRHSGQAEGYSYTDANIKKNVLWDENNMSEYLTNPKKYI
PGTKMAFGGLKKEKDRNDLITYLKKATE
;
_entity_poly.pdbx_strand_id   A,B
#
loop_
_chem_comp.id
_chem_comp.type
_chem_comp.name
_chem_comp.formula
7AZ non-polymer phosphonato-calix[6]arene 'C42 H42 O24 P6'
HEC non-polymer 'HEME C' 'C34 H34 Fe N4 O4'
SO4 non-polymer 'SULFATE ION' 'O4 S -2'
#
# COMPACT_ATOMS: atom_id res chain seq x y z
N GLU A 2 10.46 -4.61 2.97
CA GLU A 2 9.05 -4.92 2.57
C GLU A 2 8.56 -6.19 3.30
N PHE A 3 7.27 -6.43 3.24
CA PHE A 3 6.69 -7.60 3.89
C PHE A 3 7.20 -8.90 3.26
N LYS A 4 7.53 -9.86 4.13
CA LYS A 4 7.89 -11.21 3.71
C LYS A 4 7.18 -12.19 4.59
N ALA A 5 6.60 -13.21 3.98
CA ALA A 5 5.84 -14.22 4.70
C ALA A 5 6.67 -14.75 5.85
N GLY A 6 6.06 -14.88 7.03
CA GLY A 6 6.79 -15.38 8.17
C GLY A 6 6.00 -16.46 8.86
N SER A 7 6.04 -16.41 10.19
CA SER A 7 5.44 -17.46 10.98
C SER A 7 4.14 -16.96 11.57
N ALA A 8 3.03 -17.51 11.11
CA ALA A 8 1.77 -17.24 11.77
C ALA A 8 1.72 -17.75 13.22
N LYS A 9 2.53 -18.75 13.56
CA LYS A 9 2.60 -19.24 14.92
C LYS A 9 3.12 -18.16 15.88
N LYS A 10 4.27 -17.59 15.54
CA LYS A 10 4.80 -16.45 16.29
C LYS A 10 3.86 -15.24 16.22
N GLY A 11 3.26 -15.04 15.05
CA GLY A 11 2.34 -13.96 14.82
C GLY A 11 1.13 -13.97 15.74
N ALA A 12 0.58 -15.17 15.99
CA ALA A 12 -0.61 -15.33 16.78
C ALA A 12 -0.31 -14.92 18.20
N THR A 13 0.86 -15.31 18.71
CA THR A 13 1.28 -14.91 20.06
C THR A 13 1.43 -13.38 20.18
N LEU A 14 2.05 -12.74 19.18
CA LEU A 14 2.11 -11.28 19.14
C LEU A 14 0.72 -10.67 19.15
N PHE A 15 -0.18 -11.19 18.33
CA PHE A 15 -1.50 -10.60 18.22
C PHE A 15 -2.25 -10.75 19.55
N LYS A 16 -2.13 -11.93 20.12
CA LYS A 16 -2.80 -12.21 21.36
C LYS A 16 -2.34 -11.34 22.52
N THR A 17 -1.04 -11.07 22.59
CA THR A 17 -0.49 -10.28 23.69
C THR A 17 -0.54 -8.76 23.45
N ARG A 18 -0.62 -8.33 22.19
CA ARG A 18 -0.52 -6.90 21.85
C ARG A 18 -1.76 -6.26 21.21
N CYS A 19 -2.68 -7.06 20.65
CA CYS A 19 -3.79 -6.54 19.83
C CYS A 19 -5.16 -7.02 20.27
N LEU A 20 -5.24 -8.29 20.64
CA LEU A 20 -6.51 -8.93 20.97
C LEU A 20 -7.31 -8.19 22.02
N GLN A 21 -6.62 -7.57 22.99
CA GLN A 21 -7.27 -6.70 23.96
C GLN A 21 -8.27 -5.70 23.33
N CYS A 22 -7.97 -5.20 22.14
CA CYS A 22 -8.80 -4.20 21.51
C CYS A 22 -9.49 -4.68 20.24
N HIS A 23 -9.07 -5.82 19.66
CA HIS A 23 -9.56 -6.25 18.36
C HIS A 23 -9.89 -7.76 18.35
N THR A 24 -11.08 -8.10 17.88
CA THR A 24 -11.36 -9.45 17.47
C THR A 24 -11.06 -9.64 15.98
N VAL A 25 -10.96 -10.90 15.55
CA VAL A 25 -10.56 -11.20 14.16
C VAL A 25 -11.57 -12.05 13.37
N GLU A 26 -12.44 -12.76 14.05
CA GLU A 26 -13.31 -13.71 13.37
C GLU A 26 -14.48 -12.99 12.70
N LYS A 27 -15.04 -13.65 11.69
CA LYS A 27 -16.26 -13.17 11.03
C LYS A 27 -17.40 -13.00 12.03
N GLY A 28 -17.96 -11.81 12.12
CA GLY A 28 -19.02 -11.60 13.09
C GLY A 28 -18.56 -11.39 14.52
N GLY A 29 -17.24 -11.31 14.74
CA GLY A 29 -16.68 -11.02 16.05
C GLY A 29 -16.98 -9.55 16.39
N PRO A 30 -17.12 -9.24 17.67
CA PRO A 30 -17.60 -7.90 18.04
C PRO A 30 -16.56 -6.81 17.92
N HIS A 31 -17.05 -5.61 17.68
CA HIS A 31 -16.26 -4.41 17.86
C HIS A 31 -16.01 -4.24 19.35
N LYS A 32 -14.81 -3.79 19.73
CA LYS A 32 -14.49 -3.52 21.13
C LYS A 32 -13.90 -2.09 21.23
N VAL A 33 -12.78 -1.91 21.92
CA VAL A 33 -12.09 -0.61 21.88
C VAL A 33 -11.75 -0.28 20.44
N GLY A 34 -11.27 -1.28 19.70
CA GLY A 34 -10.97 -1.17 18.29
C GLY A 34 -11.96 -2.03 17.49
N PRO A 35 -12.02 -1.82 16.17
CA PRO A 35 -12.96 -2.54 15.35
C PRO A 35 -12.56 -4.00 15.17
N ASN A 36 -13.52 -4.90 15.01
CA ASN A 36 -13.27 -6.21 14.45
C ASN A 36 -12.53 -6.06 13.12
N LEU A 37 -11.58 -6.96 12.91
CA LEU A 37 -10.71 -6.91 11.74
C LEU A 37 -11.00 -7.96 10.66
N HIS A 38 -12.11 -8.71 10.77
CA HIS A 38 -12.43 -9.64 9.71
C HIS A 38 -12.50 -8.90 8.37
N GLY A 39 -11.88 -9.47 7.35
CA GLY A 39 -11.85 -8.89 6.00
C GLY A 39 -11.08 -7.58 5.84
N ILE A 40 -10.27 -7.20 6.83
CA ILE A 40 -9.50 -5.94 6.80
C ILE A 40 -8.60 -5.79 5.55
N PHE A 41 -7.97 -6.88 5.12
CA PHE A 41 -7.11 -6.83 3.94
C PHE A 41 -7.97 -6.77 2.69
N GLY A 42 -7.80 -5.69 1.93
CA GLY A 42 -8.65 -5.42 0.78
C GLY A 42 -9.87 -4.55 1.09
N ARG A 43 -9.99 -4.09 2.34
CA ARG A 43 -10.96 -3.11 2.72
C ARG A 43 -10.24 -1.77 2.96
N HIS A 44 -10.93 -0.66 2.67
CA HIS A 44 -10.41 0.66 2.99
C HIS A 44 -10.51 0.95 4.49
N SER A 45 -9.62 1.78 4.99
CA SER A 45 -9.64 2.16 6.40
C SER A 45 -10.94 2.87 6.74
N GLY A 46 -11.42 2.66 7.97
CA GLY A 46 -12.55 3.43 8.48
C GLY A 46 -13.92 2.99 7.96
N GLN A 47 -14.02 1.77 7.45
CA GLN A 47 -15.22 1.34 6.72
C GLN A 47 -16.07 0.32 7.44
N ALA A 48 -15.61 -0.26 8.55
CA ALA A 48 -16.43 -1.29 9.20
C ALA A 48 -17.64 -0.62 9.82
N GLU A 49 -18.82 -1.11 9.51
CA GLU A 49 -20.03 -0.53 10.09
C GLU A 49 -20.15 -0.86 11.60
N GLY A 50 -20.84 0.00 12.33
CA GLY A 50 -21.05 -0.22 13.77
C GLY A 50 -19.88 0.14 14.65
N TYR A 51 -18.86 0.80 14.08
CA TYR A 51 -17.69 1.24 14.83
C TYR A 51 -17.49 2.73 14.56
N SER A 52 -17.15 3.47 15.60
CA SER A 52 -16.94 4.88 15.52
C SER A 52 -15.45 5.24 15.35
N TYR A 53 -15.05 5.59 14.13
CA TYR A 53 -13.66 5.86 13.81
C TYR A 53 -13.36 7.35 13.92
N THR A 54 -12.06 7.67 13.98
CA THR A 54 -11.65 9.04 13.81
C THR A 54 -11.81 9.45 12.36
N ASP A 55 -11.98 10.75 12.13
CA ASP A 55 -11.95 11.27 10.78
C ASP A 55 -10.59 11.01 10.13
N ALA A 56 -9.52 11.02 10.96
CA ALA A 56 -8.18 10.78 10.48
C ALA A 56 -8.09 9.44 9.79
N ASN A 57 -8.57 8.40 10.45
CA ASN A 57 -8.48 7.05 9.94
C ASN A 57 -9.25 6.95 8.61
N ILE A 58 -10.44 7.51 8.60
CA ILE A 58 -11.30 7.53 7.40
C ILE A 58 -10.64 8.25 6.20
N LYS A 59 -10.16 9.47 6.45
CA LYS A 59 -9.62 10.35 5.40
C LYS A 59 -8.35 9.75 4.76
N LYS A 60 -7.62 8.94 5.50
CA LYS A 60 -6.38 8.36 4.98
C LYS A 60 -6.65 7.50 3.75
N ASN A 61 -7.82 6.84 3.68
CA ASN A 61 -8.20 6.04 2.53
C ASN A 61 -7.15 4.95 2.24
N VAL A 62 -6.66 4.31 3.29
CA VAL A 62 -5.70 3.22 3.08
C VAL A 62 -6.50 2.05 2.56
N LEU A 63 -5.98 1.34 1.57
CA LEU A 63 -6.54 0.09 1.12
C LEU A 63 -5.62 -0.94 1.71
N TRP A 64 -6.03 -1.52 2.85
CA TRP A 64 -5.11 -2.29 3.65
C TRP A 64 -4.51 -3.49 2.90
N ASP A 65 -3.18 -3.58 2.96
CA ASP A 65 -2.46 -4.70 2.38
C ASP A 65 -1.29 -5.00 3.29
N GLU A 66 -0.49 -6.00 2.96
CA GLU A 66 0.56 -6.43 3.85
C GLU A 66 1.60 -5.34 4.04
N ASN A 67 1.85 -4.54 2.99
CA ASN A 67 2.94 -3.55 3.08
C ASN A 67 2.55 -2.27 3.80
N ASN A 68 1.40 -1.71 3.46
CA ASN A 68 0.95 -0.54 4.21
C ASN A 68 0.57 -0.90 5.68
N MET A 69 0.11 -2.10 5.95
CA MET A 69 -0.15 -2.56 7.33
CA MET A 69 -0.14 -2.44 7.35
C MET A 69 1.19 -2.55 8.12
N SER A 70 2.24 -3.03 7.48
CA SER A 70 3.54 -3.08 8.12
C SER A 70 4.03 -1.66 8.46
N GLU A 71 3.86 -0.70 7.54
CA GLU A 71 4.19 0.67 7.85
C GLU A 71 3.31 1.23 9.01
N TYR A 72 2.02 0.97 8.96
CA TYR A 72 1.12 1.43 10.02
C TYR A 72 1.54 0.89 11.40
N LEU A 73 1.77 -0.41 11.47
CA LEU A 73 2.09 -1.07 12.71
C LEU A 73 3.46 -0.71 13.25
N THR A 74 4.38 -0.22 12.40
CA THR A 74 5.67 0.31 12.89
C THR A 74 5.44 1.50 13.84
N ASN A 75 4.50 2.36 13.48
CA ASN A 75 4.25 3.55 14.26
C ASN A 75 2.91 4.13 13.80
N PRO A 76 1.83 3.73 14.46
CA PRO A 76 0.51 4.11 14.01
C PRO A 76 0.24 5.61 13.91
N LYS A 77 0.61 6.39 14.93
CA LYS A 77 0.34 7.83 14.90
CA LYS A 77 0.40 7.86 14.94
C LYS A 77 1.17 8.55 13.82
N LYS A 78 2.32 8.01 13.43
CA LYS A 78 3.11 8.59 12.33
C LYS A 78 2.44 8.37 10.98
N TYR A 79 1.84 7.19 10.80
CA TYR A 79 1.16 6.86 9.55
C TYR A 79 -0.20 7.55 9.43
N ILE A 80 -0.93 7.58 10.55
CA ILE A 80 -2.23 8.23 10.60
C ILE A 80 -2.29 9.22 11.79
N PRO A 81 -1.67 10.40 11.61
CA PRO A 81 -1.71 11.36 12.73
C PRO A 81 -3.16 11.64 13.12
N GLY A 82 -3.44 11.67 14.42
CA GLY A 82 -4.82 11.87 14.89
C GLY A 82 -5.55 10.57 15.19
N THR A 83 -4.99 9.41 14.84
CA THR A 83 -5.67 8.14 15.14
C THR A 83 -5.77 7.97 16.67
N LYS A 84 -6.87 7.34 17.11
CA LYS A 84 -7.06 7.02 18.52
C LYS A 84 -6.60 5.61 18.93
N MET A 85 -5.98 4.86 18.01
CA MET A 85 -5.38 3.57 18.37
C MET A 85 -4.16 3.82 19.27
N ALA A 86 -4.23 3.37 20.53
CA ALA A 86 -3.16 3.61 21.50
C ALA A 86 -2.23 2.44 21.49
N PHE A 87 -1.31 2.48 20.55
CA PHE A 87 -0.37 1.41 20.34
C PHE A 87 0.93 2.06 19.81
N GLY A 88 2.04 1.79 20.49
CA GLY A 88 3.32 2.47 20.20
C GLY A 88 3.91 2.06 18.86
N GLY A 89 3.83 0.76 18.59
CA GLY A 89 4.28 0.19 17.34
C GLY A 89 5.16 -1.01 17.56
N LEU A 90 5.28 -1.83 16.52
CA LEU A 90 6.17 -2.96 16.51
C LEU A 90 7.40 -2.55 15.74
N LYS A 91 8.54 -2.43 16.42
CA LYS A 91 9.73 -1.92 15.73
C LYS A 91 10.47 -2.95 14.88
N LYS A 92 10.42 -4.24 15.23
CA LYS A 92 11.20 -5.25 14.50
C LYS A 92 10.45 -5.74 13.26
N GLU A 93 11.12 -5.72 12.10
CA GLU A 93 10.50 -6.17 10.86
C GLU A 93 10.00 -7.61 11.01
N LYS A 94 10.78 -8.46 11.65
CA LYS A 94 10.43 -9.86 11.85
C LYS A 94 9.09 -10.02 12.57
N ASP A 95 8.87 -9.19 13.59
CA ASP A 95 7.63 -9.22 14.35
C ASP A 95 6.44 -8.79 13.48
N ARG A 96 6.62 -7.74 12.70
CA ARG A 96 5.54 -7.28 11.80
C ARG A 96 5.22 -8.33 10.72
N ASN A 97 6.26 -8.94 10.14
CA ASN A 97 6.09 -10.03 9.18
C ASN A 97 5.29 -11.19 9.78
N ASP A 98 5.66 -11.60 10.98
CA ASP A 98 4.98 -12.72 11.63
C ASP A 98 3.53 -12.35 11.97
N LEU A 99 3.34 -11.18 12.55
CA LEU A 99 2.00 -10.72 12.96
CA LEU A 99 2.00 -10.79 12.96
C LEU A 99 1.08 -10.65 11.73
N ILE A 100 1.60 -10.06 10.65
CA ILE A 100 0.80 -9.87 9.43
C ILE A 100 0.48 -11.20 8.75
N THR A 101 1.43 -12.15 8.80
CA THR A 101 1.19 -13.50 8.29
C THR A 101 0.02 -14.14 9.01
N TYR A 102 0.04 -14.06 10.34
CA TYR A 102 -1.08 -14.50 11.16
C TYR A 102 -2.37 -13.74 10.77
N LEU A 103 -2.31 -12.43 10.71
CA LEU A 103 -3.53 -11.62 10.53
C LEU A 103 -4.21 -11.90 9.20
N LYS A 104 -3.43 -12.06 8.14
CA LYS A 104 -3.99 -12.39 6.84
CA LYS A 104 -3.97 -12.41 6.83
C LYS A 104 -4.80 -13.67 6.89
N LYS A 105 -4.26 -14.69 7.53
CA LYS A 105 -4.96 -15.96 7.66
C LYS A 105 -6.16 -15.85 8.61
N ALA A 106 -5.97 -15.19 9.74
CA ALA A 106 -7.03 -15.12 10.77
C ALA A 106 -8.24 -14.27 10.34
N THR A 107 -8.04 -13.28 9.48
CA THR A 107 -9.10 -12.35 9.10
C THR A 107 -9.72 -12.67 7.72
N GLU A 108 -9.22 -13.68 7.02
CA GLU A 108 -9.70 -13.86 5.64
C GLU A 108 -11.07 -14.50 5.64
N ALA B 1 -2.48 -7.45 -5.45
CA ALA B 1 -1.27 -8.11 -6.05
C ALA B 1 -0.14 -8.21 -5.04
N GLU B 2 0.42 -9.40 -4.87
CA GLU B 2 1.58 -9.54 -4.00
CA GLU B 2 1.59 -9.59 -4.02
C GLU B 2 2.81 -8.87 -4.64
N PHE B 3 3.65 -8.28 -3.79
CA PHE B 3 4.91 -7.72 -4.21
C PHE B 3 6.00 -8.51 -3.47
N LYS B 4 7.08 -8.81 -4.17
CA LYS B 4 8.29 -9.36 -3.58
C LYS B 4 9.42 -8.56 -4.14
N ALA B 5 10.38 -8.23 -3.32
CA ALA B 5 11.52 -7.46 -3.79
C ALA B 5 12.20 -8.18 -4.93
N GLY B 6 12.54 -7.44 -5.98
CA GLY B 6 13.22 -8.02 -7.16
C GLY B 6 14.54 -7.33 -7.44
N SER B 7 14.89 -7.30 -8.71
CA SER B 7 16.10 -6.66 -9.19
C SER B 7 15.79 -5.26 -9.70
N ALA B 8 16.33 -4.24 -9.01
CA ALA B 8 16.30 -2.87 -9.55
C ALA B 8 17.06 -2.70 -10.85
N LYS B 9 18.09 -3.52 -11.10
CA LYS B 9 18.80 -3.47 -12.37
C LYS B 9 17.84 -3.82 -13.52
N LYS B 10 17.16 -4.96 -13.41
CA LYS B 10 16.14 -5.34 -14.38
C LYS B 10 15.02 -4.30 -14.40
N GLY B 11 14.61 -3.80 -13.22
CA GLY B 11 13.58 -2.79 -13.13
C GLY B 11 13.89 -1.51 -13.86
N ALA B 12 15.15 -1.06 -13.77
CA ALA B 12 15.56 0.13 -14.50
C ALA B 12 15.42 -0.02 -16.00
N THR B 13 15.75 -1.18 -16.55
CA THR B 13 15.62 -1.43 -17.97
C THR B 13 14.14 -1.45 -18.36
N LEU B 14 13.29 -2.06 -17.51
CA LEU B 14 11.85 -2.00 -17.76
C LEU B 14 11.34 -0.57 -17.76
N PHE B 15 11.81 0.24 -16.81
CA PHE B 15 11.37 1.63 -16.72
C PHE B 15 11.77 2.41 -17.98
N LYS B 16 13.04 2.24 -18.38
CA LYS B 16 13.54 2.89 -19.62
C LYS B 16 12.76 2.54 -20.87
N THR B 17 12.38 1.27 -20.99
CA THR B 17 11.74 0.81 -22.21
C THR B 17 10.22 1.00 -22.18
N ARG B 18 9.60 1.08 -21.00
CA ARG B 18 8.13 1.11 -20.92
CA ARG B 18 8.13 1.09 -20.85
C ARG B 18 7.55 2.39 -20.33
N CYS B 19 8.35 3.15 -19.59
CA CYS B 19 7.79 4.29 -18.83
C CYS B 19 8.47 5.63 -19.11
N LEU B 20 9.78 5.60 -19.37
CA LEU B 20 10.59 6.83 -19.45
C LEU B 20 10.09 7.78 -20.54
N GLN B 21 9.56 7.23 -21.63
CA GLN B 21 9.02 8.09 -22.69
CA GLN B 21 8.97 8.03 -22.69
C GLN B 21 7.97 9.07 -22.14
N CYS B 22 7.23 8.72 -21.08
CA CYS B 22 6.23 9.59 -20.50
C CYS B 22 6.54 10.12 -19.09
N HIS B 23 7.52 9.55 -18.38
CA HIS B 23 7.69 9.89 -16.95
C HIS B 23 9.17 10.12 -16.62
N THR B 24 9.44 11.11 -15.78
CA THR B 24 10.72 11.22 -15.07
C THR B 24 10.56 10.77 -13.62
N VAL B 25 11.68 10.47 -12.96
CA VAL B 25 11.68 9.97 -11.55
C VAL B 25 12.41 10.79 -10.50
N GLU B 26 13.36 11.58 -10.94
CA GLU B 26 14.22 12.32 -10.02
C GLU B 26 13.50 13.50 -9.35
N LYS B 27 14.02 13.90 -8.20
CA LYS B 27 13.49 15.09 -7.50
C LYS B 27 13.65 16.33 -8.37
N GLY B 28 12.54 17.03 -8.60
CA GLY B 28 12.59 18.21 -9.47
C GLY B 28 12.59 17.90 -10.95
N GLY B 29 12.47 16.62 -11.33
CA GLY B 29 12.41 16.24 -12.76
C GLY B 29 11.09 16.71 -13.36
N PRO B 30 11.08 17.01 -14.66
CA PRO B 30 9.92 17.67 -15.25
C PRO B 30 8.74 16.73 -15.42
N HIS B 31 7.53 17.30 -15.35
CA HIS B 31 6.35 16.62 -15.84
C HIS B 31 6.51 16.53 -17.37
N LYS B 32 6.02 15.47 -17.97
CA LYS B 32 6.07 15.32 -19.43
C LYS B 32 4.67 14.93 -19.89
N VAL B 33 4.52 13.90 -20.71
CA VAL B 33 3.19 13.39 -21.02
C VAL B 33 2.53 12.95 -19.72
N GLY B 34 3.30 12.25 -18.89
CA GLY B 34 2.88 11.85 -17.55
C GLY B 34 3.62 12.69 -16.50
N PRO B 35 3.13 12.68 -15.25
CA PRO B 35 3.77 13.42 -14.18
C PRO B 35 5.08 12.82 -13.69
N ASN B 36 5.99 13.67 -13.27
CA ASN B 36 7.13 13.25 -12.52
C ASN B 36 6.67 12.37 -11.33
N LEU B 37 7.45 11.32 -11.06
CA LEU B 37 7.08 10.30 -10.07
C LEU B 37 7.87 10.38 -8.77
N HIS B 38 8.69 11.42 -8.60
CA HIS B 38 9.40 11.57 -7.35
C HIS B 38 8.37 11.66 -6.18
N GLY B 39 8.62 10.85 -5.14
CA GLY B 39 7.80 10.87 -3.94
C GLY B 39 6.46 10.17 -4.11
N ILE B 40 6.27 9.44 -5.21
CA ILE B 40 4.96 8.81 -5.50
C ILE B 40 4.51 7.83 -4.39
N PHE B 41 5.46 7.14 -3.77
CA PHE B 41 5.13 6.18 -2.67
C PHE B 41 4.85 6.80 -1.28
N GLY B 42 4.78 8.12 -1.21
CA GLY B 42 4.32 8.83 -0.02
C GLY B 42 3.12 9.72 -0.24
N ARG B 43 2.46 9.64 -1.39
CA ARG B 43 1.25 10.43 -1.58
C ARG B 43 0.14 9.70 -2.28
N HIS B 44 -0.99 10.40 -2.42
CA HIS B 44 -2.16 9.87 -3.11
C HIS B 44 -2.07 10.21 -4.61
N SER B 45 -2.80 9.47 -5.42
CA SER B 45 -2.85 9.75 -6.84
C SER B 45 -3.44 11.13 -7.11
N GLY B 46 -2.99 11.71 -8.23
CA GLY B 46 -3.54 13.00 -8.69
C GLY B 46 -3.13 14.22 -7.89
N GLN B 47 -2.02 14.16 -7.19
CA GLN B 47 -1.65 15.22 -6.26
C GLN B 47 -0.37 15.97 -6.58
N ALA B 48 0.36 15.60 -7.63
CA ALA B 48 1.56 16.38 -8.02
C ALA B 48 1.13 17.71 -8.63
N GLU B 49 1.65 18.81 -8.07
CA GLU B 49 1.30 20.12 -8.59
C GLU B 49 1.96 20.32 -9.96
N GLY B 50 1.35 21.13 -10.81
CA GLY B 50 1.93 21.45 -12.14
C GLY B 50 1.61 20.45 -13.24
N TYR B 51 0.76 19.46 -12.94
CA TYR B 51 0.37 18.44 -13.89
C TYR B 51 -1.15 18.38 -14.01
N SER B 52 -1.66 18.26 -15.23
CA SER B 52 -3.10 18.26 -15.43
C SER B 52 -3.60 16.80 -15.50
N TYR B 53 -4.17 16.33 -14.41
CA TYR B 53 -4.68 14.95 -14.34
C TYR B 53 -6.10 14.83 -14.86
N THR B 54 -6.51 13.60 -15.15
CA THR B 54 -7.94 13.36 -15.31
C THR B 54 -8.65 13.46 -13.95
N ASP B 55 -9.93 13.80 -13.97
CA ASP B 55 -10.79 13.67 -12.78
C ASP B 55 -10.72 12.26 -12.24
N ALA B 56 -10.66 11.26 -13.13
CA ALA B 56 -10.64 9.85 -12.71
C ALA B 56 -9.47 9.53 -11.81
N ASN B 57 -8.26 9.91 -12.25
CA ASN B 57 -7.09 9.70 -11.42
C ASN B 57 -7.18 10.41 -10.05
N ILE B 58 -7.65 11.65 -10.05
CA ILE B 58 -7.77 12.41 -8.81
C ILE B 58 -8.80 11.77 -7.88
N LYS B 59 -9.98 11.46 -8.43
CA LYS B 59 -11.07 10.87 -7.64
C LYS B 59 -10.66 9.52 -7.06
N LYS B 60 -9.85 8.76 -7.76
CA LYS B 60 -9.43 7.45 -7.27
C LYS B 60 -8.69 7.59 -5.91
N ASN B 61 -7.86 8.61 -5.79
CA ASN B 61 -7.22 8.92 -4.51
C ASN B 61 -6.50 7.70 -3.91
N VAL B 62 -5.80 6.96 -4.76
CA VAL B 62 -5.12 5.77 -4.27
C VAL B 62 -3.84 6.19 -3.56
N LEU B 63 -3.66 5.64 -2.35
CA LEU B 63 -2.42 5.86 -1.59
C LEU B 63 -1.40 4.88 -2.09
N TRP B 64 -0.58 5.31 -3.07
CA TRP B 64 0.29 4.37 -3.77
C TRP B 64 1.23 3.60 -2.83
N ASP B 65 1.31 2.29 -3.01
CA ASP B 65 2.34 1.44 -2.40
C ASP B 65 2.71 0.34 -3.38
N GLU B 66 3.50 -0.63 -2.93
CA GLU B 66 4.01 -1.63 -3.79
C GLU B 66 2.88 -2.51 -4.34
N ASN B 67 1.97 -2.89 -3.46
CA ASN B 67 0.90 -3.86 -3.78
C ASN B 67 -0.12 -3.27 -4.75
N ASN B 68 -0.60 -2.08 -4.46
CA ASN B 68 -1.59 -1.46 -5.36
C ASN B 68 -0.97 -0.91 -6.65
N MET B 69 0.33 -0.55 -6.62
CA MET B 69 1.04 -0.13 -7.84
CA MET B 69 0.93 -0.12 -7.87
C MET B 69 1.13 -1.34 -8.76
N SER B 70 1.41 -2.50 -8.17
CA SER B 70 1.52 -3.72 -8.93
C SER B 70 0.16 -4.03 -9.57
N GLU B 71 -0.91 -3.92 -8.79
CA GLU B 71 -2.23 -4.13 -9.37
C GLU B 71 -2.50 -3.11 -10.51
N TYR B 72 -2.20 -1.84 -10.28
CA TYR B 72 -2.43 -0.78 -11.27
C TYR B 72 -1.67 -1.05 -12.58
N LEU B 73 -0.38 -1.37 -12.46
CA LEU B 73 0.46 -1.57 -13.64
C LEU B 73 0.12 -2.83 -14.40
N THR B 74 -0.59 -3.78 -13.78
CA THR B 74 -1.10 -4.92 -14.51
C THR B 74 -2.04 -4.49 -15.63
N ASN B 75 -2.87 -3.48 -15.38
CA ASN B 75 -3.89 -3.03 -16.31
C ASN B 75 -4.44 -1.69 -15.81
N PRO B 76 -3.78 -0.60 -16.21
CA PRO B 76 -4.11 0.70 -15.67
C PRO B 76 -5.55 1.19 -15.92
N LYS B 77 -6.07 0.98 -17.11
CA LYS B 77 -7.44 1.43 -17.41
C LYS B 77 -8.50 0.61 -16.69
N LYS B 78 -8.16 -0.61 -16.30
CA LYS B 78 -9.07 -1.38 -15.48
C LYS B 78 -9.08 -0.84 -14.05
N TYR B 79 -7.89 -0.52 -13.55
CA TYR B 79 -7.73 -0.10 -12.17
C TYR B 79 -8.29 1.29 -11.94
N ILE B 80 -8.05 2.20 -12.89
CA ILE B 80 -8.56 3.57 -12.88
C ILE B 80 -9.31 3.87 -14.20
N PRO B 81 -10.56 3.42 -14.29
CA PRO B 81 -11.32 3.66 -15.52
C PRO B 81 -11.38 5.14 -15.83
N GLY B 82 -11.11 5.50 -17.07
CA GLY B 82 -11.07 6.88 -17.50
C GLY B 82 -9.69 7.50 -17.43
N THR B 83 -8.69 6.80 -16.89
CA THR B 83 -7.31 7.37 -16.88
C THR B 83 -6.82 7.60 -18.31
N LYS B 84 -5.99 8.63 -18.51
CA LYS B 84 -5.43 8.89 -19.84
C LYS B 84 -4.02 8.32 -20.00
N MET B 85 -3.53 7.53 -19.03
CA MET B 85 -2.26 6.82 -19.19
C MET B 85 -2.42 5.71 -20.21
N ALA B 86 -1.83 5.89 -21.38
CA ALA B 86 -1.95 4.98 -22.51
C ALA B 86 -0.88 3.91 -22.38
N PHE B 87 -1.15 2.96 -21.50
CA PHE B 87 -0.23 1.87 -21.22
C PHE B 87 -1.06 0.62 -21.04
N GLY B 88 -0.77 -0.40 -21.83
CA GLY B 88 -1.51 -1.65 -21.84
C GLY B 88 -1.37 -2.41 -20.53
N GLY B 89 -0.14 -2.48 -20.02
CA GLY B 89 0.12 -3.12 -18.74
C GLY B 89 1.29 -4.09 -18.78
N LEU B 90 1.81 -4.40 -17.58
CA LEU B 90 2.87 -5.37 -17.40
C LEU B 90 2.25 -6.62 -16.86
N LYS B 91 2.11 -7.63 -17.71
CA LYS B 91 1.37 -8.80 -17.33
C LYS B 91 2.13 -9.76 -16.36
N LYS B 92 3.46 -9.75 -16.35
CA LYS B 92 4.20 -10.74 -15.53
C LYS B 92 4.54 -10.19 -14.15
N GLU B 93 4.22 -10.94 -13.09
CA GLU B 93 4.54 -10.52 -11.70
C GLU B 93 6.02 -10.22 -11.57
N LYS B 94 6.89 -11.04 -12.16
CA LYS B 94 8.33 -10.82 -12.03
C LYS B 94 8.75 -9.42 -12.54
N ASP B 95 8.20 -9.01 -13.67
CA ASP B 95 8.50 -7.71 -14.25
C ASP B 95 7.99 -6.58 -13.35
N ARG B 96 6.78 -6.73 -12.84
CA ARG B 96 6.23 -5.72 -11.89
C ARG B 96 7.08 -5.61 -10.63
N ASN B 97 7.49 -6.75 -10.10
CA ASN B 97 8.32 -6.76 -8.91
C ASN B 97 9.64 -6.00 -9.13
N ASP B 98 10.31 -6.32 -10.24
CA ASP B 98 11.55 -5.68 -10.61
C ASP B 98 11.36 -4.17 -10.84
N LEU B 99 10.35 -3.80 -11.60
CA LEU B 99 10.08 -2.40 -11.90
CA LEU B 99 10.07 -2.40 -11.90
C LEU B 99 9.80 -1.64 -10.62
N ILE B 100 8.93 -2.18 -9.79
CA ILE B 100 8.60 -1.51 -8.55
C ILE B 100 9.77 -1.42 -7.57
N THR B 101 10.65 -2.43 -7.55
CA THR B 101 11.85 -2.36 -6.71
C THR B 101 12.71 -1.15 -7.15
N TYR B 102 12.86 -1.01 -8.48
CA TYR B 102 13.57 0.11 -9.05
C TYR B 102 12.86 1.43 -8.67
N LEU B 103 11.56 1.47 -8.90
CA LEU B 103 10.82 2.71 -8.68
C LEU B 103 10.93 3.17 -7.24
N LYS B 104 10.86 2.26 -6.28
CA LYS B 104 10.97 2.64 -4.87
CA LYS B 104 10.97 2.63 -4.86
C LYS B 104 12.30 3.33 -4.60
N LYS B 105 13.38 2.80 -5.19
CA LYS B 105 14.68 3.42 -5.02
C LYS B 105 14.79 4.72 -5.78
N ALA B 106 14.32 4.73 -7.02
CA ALA B 106 14.54 5.85 -7.94
C ALA B 106 13.72 7.06 -7.56
N THR B 107 12.56 6.84 -6.94
CA THR B 107 11.65 7.97 -6.62
C THR B 107 11.80 8.45 -5.16
N GLU B 108 12.66 7.83 -4.38
CA GLU B 108 12.73 8.13 -2.94
C GLU B 108 13.50 9.45 -2.76
FE HEC C . -5.72 -1.29 16.46
CHA HEC C . -7.51 0.62 14.30
CHB HEC C . -4.66 -3.26 13.91
CHC HEC C . -3.48 -2.82 18.58
CHD HEC C . -7.25 0.19 19.11
NA HEC C . -6.01 -1.31 14.49
C1A HEC C . -6.79 -0.42 13.75
C2A HEC C . -6.73 -0.77 12.35
C3A HEC C . -5.93 -1.87 12.26
C4A HEC C . -5.49 -2.20 13.58
CMA HEC C . -5.56 -2.61 10.99
CAA HEC C . -7.43 -0.09 11.19
CBA HEC C . -8.90 -0.61 11.17
CGA HEC C . -9.79 -0.08 10.07
O1A HEC C . -10.94 -0.61 9.93
O2A HEC C . -9.41 0.89 9.35
NB HEC C . -4.31 -2.78 16.27
C1B HEC C . -4.09 -3.47 15.17
C2B HEC C . -3.08 -4.46 15.42
C3B HEC C . -2.72 -4.37 16.74
C4B HEC C . -3.51 -3.23 17.26
CMB HEC C . -2.61 -5.47 14.37
CAB HEC C . -1.60 -5.02 17.49
CBB HEC C . -0.38 -5.03 16.86
NC HEC C . -5.41 -1.31 18.50
C1C HEC C . -4.44 -1.98 19.16
C2C HEC C . -4.64 -1.82 20.55
C3C HEC C . -5.77 -1.02 20.74
C4C HEC C . -6.20 -0.65 19.40
CMC HEC C . -3.77 -2.46 21.64
CAC HEC C . -6.40 -0.48 22.00
CBC HEC C . -5.73 -0.26 23.16
ND HEC C . -7.06 0.10 16.66
C1D HEC C . -7.58 0.58 17.82
C2D HEC C . -8.57 1.65 17.58
C3D HEC C . -8.65 1.77 16.22
C4D HEC C . -7.69 0.78 15.66
CMD HEC C . -9.26 2.40 18.69
CAD HEC C . -9.49 2.80 15.47
CBD HEC C . -8.55 4.02 15.25
CGD HEC C . -9.15 5.30 14.71
O1D HEC C . -10.39 5.37 14.40
O2D HEC C . -8.39 6.35 14.58
C39 7AZ D . -1.07 -19.99 15.42
C40 7AZ D . -2.47 -19.79 14.89
C26 7AZ D . -1.34 -21.35 4.99
C27 7AZ D . -1.70 -21.56 7.39
C28 7AZ D . -2.54 -22.12 8.52
C29 7AZ D . -3.59 -21.22 9.08
C30 7AZ D . -5.62 -19.56 10.05
C31 7AZ D . -3.30 -20.32 10.08
C32 7AZ D . -4.89 -21.29 8.55
C33 7AZ D . -5.90 -20.46 9.04
C34 7AZ D . -4.32 -19.50 10.59
C35 7AZ D . -4.06 -18.50 11.68
O38 7AZ D . 2.37 -19.75 9.60
C1 7AZ D . 0.24 -23.31 16.64
C2 7AZ D . -0.06 -21.96 14.20
C3 7AZ D . 0.65 -23.91 15.45
C4 7AZ D . -0.33 -22.03 16.60
C5 7AZ D . -0.47 -21.37 15.38
C6 7AZ D . 0.50 -23.25 14.23
C7 7AZ D . 0.95 -23.94 12.96
C8 7AZ D . 2.42 -23.69 12.64
C9 7AZ D . 5.11 -23.26 12.07
C10 7AZ D . 3.38 -24.54 13.20
C11 7AZ D . 2.80 -22.64 11.82
C12 7AZ D . 4.15 -22.44 11.52
C13 7AZ D . 4.72 -24.33 12.91
C14 7AZ D . 4.58 -21.27 10.65
C15 7AZ D . 4.16 -21.25 9.19
C16 7AZ D . 3.52 -21.26 6.48
C17 7AZ D . 4.92 -22.01 8.30
C18 7AZ D . 3.10 -20.49 8.71
C19 7AZ D . 2.73 -20.50 7.36
C20 7AZ D . 4.60 -22.02 6.95
C21 7AZ D . 1.59 -19.66 6.79
C22 7AZ D . 0.27 -20.40 6.57
C23 7AZ D . -2.11 -21.81 6.06
C24 7AZ D . -0.49 -20.88 7.64
C25 7AZ D . -0.16 -20.64 5.25
O72 7AZ D . -6.14 -18.97 17.32
P51 7AZ D . -6.29 -20.00 16.30
O52 7AZ D . -6.39 -21.37 16.82
O63 7AZ D . -7.50 -19.78 15.46
C44 7AZ D . -4.88 -19.74 15.23
C43 7AZ D . -3.58 -19.96 15.72
P49 7AZ D . 0.43 -24.13 18.15
O62 7AZ D . 0.11 -23.24 19.29
O61 7AZ D . 1.80 -24.62 18.25
O50 7AZ D . -0.49 -25.25 18.32
C41 7AZ D . -5.04 -19.26 13.94
C45 7AZ D . -3.92 -19.05 13.09
C42 7AZ D . -2.66 -19.32 13.59
O48 7AZ D . -1.59 -19.14 12.78
O47 7AZ D . -2.04 -20.24 10.58
P53 7AZ D . -7.54 -20.52 8.32
O65 7AZ D . -7.57 -19.22 7.51
O64 7AZ D . -7.70 -21.53 7.32
O54 7AZ D . -8.59 -20.20 9.30
O46 7AZ D . -0.10 -20.63 8.93
P55 7AZ D . -1.88 -21.56 3.34
O69 7AZ D . -2.77 -22.76 3.16
O68 7AZ D . -0.70 -21.64 2.44
O56 7AZ D . -2.76 -20.40 3.05
P57 7AZ D . 5.56 -23.00 5.85
O67 7AZ D . 6.98 -22.63 5.88
O66 7AZ D . 4.90 -22.99 4.50
O58 7AZ D . 5.58 -24.41 6.31
P59 7AZ D . 5.91 -25.37 13.64
O71 7AZ D . 7.18 -25.07 13.00
O70 7AZ D . 5.98 -25.09 15.11
O60 7AZ D . 5.52 -26.81 13.65
O37 7AZ D . 1.90 -21.80 11.30
O36 7AZ D . -0.18 -21.30 13.04
S SO4 E . -14.43 -0.34 1.07
O1 SO4 E . -15.02 -1.19 0.02
O2 SO4 E . -14.39 1.08 0.66
O3 SO4 E . -13.05 -0.80 1.29
O4 SO4 E . -15.25 -0.49 2.30
S SO4 F . -16.55 -12.86 3.93
O1 SO4 F . -17.63 -13.37 3.07
O2 SO4 F . -15.61 -12.07 3.11
O3 SO4 F . -17.08 -12.00 5.00
O4 SO4 F . -15.84 -14.02 4.54
FE HEC G . 2.17 6.51 -16.35
CHA HEC G . 0.00 8.29 -14.45
CHB HEC G . 3.46 5.02 -13.56
CHC HEC G . 3.91 4.33 -18.33
CHD HEC G . 1.38 8.37 -19.07
NA HEC G . 1.80 6.64 -14.37
C1A HEC G . 0.84 7.42 -13.80
C2A HEC G . 0.83 7.20 -12.38
C3A HEC G . 1.80 6.27 -12.10
C4A HEC G . 2.40 5.92 -13.37
CMA HEC G . 2.20 5.68 -10.79
CAA HEC G . -0.06 7.92 -11.38
CBA HEC G . 0.72 9.19 -10.99
CGA HEC G . 0.05 10.10 -9.98
O1A HEC G . 0.62 11.16 -9.58
O2A HEC G . -1.09 9.77 -9.56
NB HEC G . 3.43 4.94 -15.99
C1B HEC G . 3.89 4.57 -14.80
C2B HEC G . 4.83 3.49 -14.97
C3B HEC G . 4.98 3.25 -16.29
C4B HEC G . 4.05 4.21 -16.95
CMB HEC G . 5.52 2.79 -13.82
CAB HEC G . 5.68 2.17 -17.03
CBB HEC G . 5.53 0.91 -16.57
NC HEC G . 2.57 6.35 -18.34
C1C HEC G . 3.28 5.37 -18.96
C2C HEC G . 3.37 5.67 -20.37
C3C HEC G . 2.71 6.86 -20.59
C4C HEC G . 2.18 7.26 -19.29
CMC HEC G . 4.14 4.84 -21.42
CAC HEC G . 2.48 7.61 -21.86
CBC HEC G . 2.42 7.09 -23.11
ND HEC G . 0.99 8.00 -16.68
C1D HEC G . 0.76 8.65 -17.84
C2D HEC G . -0.25 9.70 -17.70
C3D HEC G . -0.66 9.68 -16.41
C4D HEC G . 0.13 8.60 -15.79
CMD HEC G . -0.73 10.59 -18.84
CAD HEC G . -1.72 10.58 -15.81
CBD HEC G . -3.02 9.77 -15.86
CGD HEC G . -4.29 10.54 -15.57
O1D HEC G . -4.28 11.72 -15.17
O2D HEC G . -5.39 9.94 -15.76
C39 7AZ H . 19.85 0.05 -12.27
C40 7AZ H . 19.67 1.38 -11.59
C26 7AZ H . 19.24 -1.02 -1.87
C27 7AZ H . 20.00 -0.47 -4.12
C28 7AZ H . 20.85 0.41 -5.01
C29 7AZ H . 20.14 1.63 -5.52
C30 7AZ H . 18.91 3.91 -6.41
C31 7AZ H . 19.42 1.57 -6.69
C32 7AZ H . 20.27 2.83 -4.80
C33 7AZ H . 19.64 3.97 -5.26
C34 7AZ H . 18.83 2.74 -7.16
C35 7AZ H . 18.01 2.76 -8.42
O38 7AZ H . 18.36 -4.04 -7.13
C1 7AZ H . 23.31 -1.34 -13.04
C2 7AZ H . 21.50 -1.28 -10.87
C3 7AZ H . 23.63 -1.95 -11.83
C4 7AZ H . 22.07 -0.71 -13.16
C5 7AZ H . 21.17 -0.67 -12.07
C6 7AZ H . 22.74 -1.92 -10.76
C7 7AZ H . 23.16 -2.59 -9.47
C8 7AZ H . 22.72 -4.05 -9.39
C9 7AZ H . 22.04 -6.76 -9.29
C10 7AZ H . 23.58 -5.03 -9.91
C11 7AZ H . 21.50 -4.44 -8.85
C12 7AZ H . 21.17 -5.80 -8.78
C13 7AZ H . 23.26 -6.38 -9.84
C14 7AZ H . 19.83 -6.25 -8.19
C15 7AZ H . 19.58 -6.02 -6.69
C16 7AZ H . 19.12 -5.66 -3.97
C17 7AZ H . 20.09 -6.93 -5.78
C18 7AZ H . 18.84 -4.93 -6.23
C19 7AZ H . 18.60 -4.73 -4.87
C20 7AZ H . 19.86 -6.76 -4.42
C21 7AZ H . 17.77 -3.54 -4.36
C22 7AZ H . 18.55 -2.37 -3.80
C23 7AZ H . 19.99 -0.21 -2.72
C24 7AZ H . 19.31 -1.55 -4.64
C25 7AZ H . 18.52 -2.10 -2.42
O72 7AZ H . 19.93 5.34 -13.64
P51 7AZ H . 20.48 5.35 -12.28
O52 7AZ H . 21.96 5.46 -12.34
O63 7AZ H . 19.96 6.44 -11.44
C44 7AZ H . 19.91 3.83 -11.55
C43 7AZ H . 20.10 2.59 -12.18
P49 7AZ H . 24.42 -1.40 -14.38
O62 7AZ H . 23.97 -0.72 -15.64
O61 7AZ H . 24.67 -2.80 -14.76
O50 7AZ H . 25.68 -0.73 -14.07
C41 7AZ H . 19.23 3.87 -10.34
C45 7AZ H . 18.79 2.68 -9.74
C42 7AZ H . 18.99 1.46 -10.37
O48 7AZ H . 18.55 0.34 -9.74
O47 7AZ H . 19.27 0.44 -7.43
P53 7AZ H . 19.69 5.53 -4.42
O65 7AZ H . 18.27 5.91 -4.44
O64 7AZ H . 20.26 5.41 -3.09
O54 7AZ H . 20.44 6.52 -5.22
O46 7AZ H . 19.31 -1.77 -5.99
P55 7AZ H . 19.19 -0.67 -0.17
O69 7AZ H . 20.46 0.00 0.37
O68 7AZ H . 19.08 -1.99 0.50
O56 7AZ H . 18.11 0.32 0.03
P57 7AZ H . 20.52 -7.93 -3.28
O67 7AZ H . 19.91 -9.25 -3.57
O66 7AZ H . 20.36 -7.40 -1.90
O58 7AZ H . 21.98 -8.20 -3.54
P59 7AZ H . 24.39 -7.57 -10.53
O71 7AZ H . 23.61 -8.82 -10.53
O70 7AZ H . 24.82 -7.17 -11.89
O60 7AZ H . 25.63 -7.79 -9.75
O37 7AZ H . 20.64 -3.51 -8.37
O36 7AZ H . 20.63 -1.27 -9.85
S SO4 I . -1.41 13.78 -0.56
O1 SO4 I . -0.30 14.72 -0.28
O2 SO4 I . -1.33 13.32 -1.95
O3 SO4 I . -2.71 14.45 -0.37
O4 SO4 I . -1.31 12.58 0.32
S SO4 J . 4.09 -7.72 -21.43
O1 SO4 J . 5.17 -8.69 -21.72
O2 SO4 J . 3.26 -7.53 -22.65
O3 SO4 J . 4.67 -6.43 -21.01
O4 SO4 J . 3.26 -8.21 -20.32
S SO4 K . 11.82 14.79 -0.44
O1 SO4 K . 10.99 15.26 -1.57
O2 SO4 K . 12.77 13.76 -0.90
O3 SO4 K . 12.59 15.93 0.11
O4 SO4 K . 10.95 14.25 0.62
#